data_5N50
#
_entry.id   5N50
#
_cell.length_a   98.315
_cell.length_b   98.315
_cell.length_c   80.504
_cell.angle_alpha   90.00
_cell.angle_beta   90.00
_cell.angle_gamma   120.00
#
_symmetry.space_group_name_H-M   'P 65'
#
loop_
_entity.id
_entity.type
_entity.pdbx_description
1 polymer 'Serine/threonine-protein kinase pim-1'
2 polymer Pimtide
3 non-polymer 2-(4-chlorophenyl)sulfanylethanehydrazide
4 water water
#
loop_
_entity_poly.entity_id
_entity_poly.type
_entity_poly.pdbx_seq_one_letter_code
_entity_poly.pdbx_strand_id
1 'polypeptide(L)'
;MLLSKINSLAHLRAAPCNDLHATKLAPGKEKEPLESQYQVGPLLGSGGFGSVYSGIRVSDNLPVAIKHVEKDRISDWGEL
PNGTRVPMEVVLLKKVSSGFSGVIRLLDWFERPDSFVLILERPEPVQDLFDFITERGALQEELARSFFWQVLEAVRHCHN
CGVLHRDIKDENILIDLNRGELKLIDFGSGALLKDTVYTDFDGTRVYSPPEWIRYHRYHGRSAAVWSLGILLYDMVCGDI
PFEHDEEIIGGQVFFRQRVSSECQHLIRWCLALRPSDRPTFEEIQNHPWMQDVLLPQETAEIHLHSLSPGPSK
;
A
2 'polypeptide(L)' ARKRRRHPSGPPTA B
#
# COMPACT_ATOMS: atom_id res chain seq x y z
N PRO A 33 26.86 -8.84 11.68
CA PRO A 33 27.26 -7.48 12.06
C PRO A 33 26.41 -6.40 11.38
N LEU A 34 25.32 -5.99 12.04
CA LEU A 34 24.42 -5.02 11.43
C LEU A 34 25.02 -3.62 11.41
N GLU A 35 25.65 -3.21 12.52
CA GLU A 35 26.10 -1.84 12.65
C GLU A 35 27.30 -1.49 11.78
N SER A 36 28.01 -2.48 11.24
CA SER A 36 29.19 -2.24 10.41
C SER A 36 28.92 -2.32 8.91
N GLN A 37 27.75 -2.82 8.51
CA GLN A 37 27.41 -2.93 7.10
C GLN A 37 26.61 -1.73 6.60
N TYR A 38 26.03 -0.95 7.49
CA TYR A 38 25.21 0.19 7.11
C TYR A 38 25.57 1.39 7.97
N GLN A 39 25.66 2.55 7.32
CA GLN A 39 25.75 3.82 8.04
C GLN A 39 24.33 4.32 8.26
N VAL A 40 23.98 4.55 9.53
CA VAL A 40 22.62 4.92 9.92
C VAL A 40 22.49 6.43 9.88
N GLY A 41 21.42 6.92 9.25
CA GLY A 41 21.17 8.33 9.18
C GLY A 41 19.99 8.75 10.05
N PRO A 42 19.33 9.85 9.69
CA PRO A 42 18.25 10.37 10.53
C PRO A 42 17.01 9.49 10.49
N LEU A 43 16.20 9.65 11.53
CA LEU A 43 14.91 8.99 11.59
C LEU A 43 13.99 9.51 10.49
N LEU A 44 13.38 8.59 9.74
CA LEU A 44 12.43 8.98 8.70
C LEU A 44 11.00 9.00 9.20
N GLY A 45 10.68 8.18 10.19
CA GLY A 45 9.33 8.14 10.74
C GLY A 45 9.21 7.00 11.72
N SER A 46 8.10 7.06 12.49
CA SER A 46 7.78 6.01 13.44
C SER A 46 6.27 5.98 13.64
N GLY A 47 5.78 4.82 14.06
CA GLY A 47 4.36 4.66 14.31
C GLY A 47 4.06 3.23 14.69
N GLY A 48 2.80 2.82 14.43
CA GLY A 48 2.42 1.45 14.70
C GLY A 48 3.34 0.43 14.06
N PHE A 49 4.03 0.82 12.97
CA PHE A 49 4.91 -0.08 12.23
C PHE A 49 6.28 -0.25 12.87
N GLY A 50 6.69 0.64 13.77
CA GLY A 50 8.05 0.65 14.31
C GLY A 50 8.72 2.00 14.07
N SER A 51 10.05 1.97 13.97
CA SER A 51 10.83 3.15 13.69
C SER A 51 11.71 2.90 12.46
N VAL A 52 11.75 3.87 11.55
CA VAL A 52 12.43 3.69 10.27
C VAL A 52 13.46 4.80 10.11
N TYR A 53 14.70 4.41 9.87
CA TYR A 53 15.81 5.32 9.70
C TYR A 53 16.30 5.31 8.25
N SER A 54 16.77 6.45 7.80
CA SER A 54 17.53 6.51 6.56
C SER A 54 18.90 5.87 6.80
N GLY A 55 19.41 5.22 5.77
CA GLY A 55 20.70 4.55 5.88
C GLY A 55 21.36 4.44 4.53
N ILE A 56 22.61 4.03 4.56
CA ILE A 56 23.41 3.82 3.36
C ILE A 56 24.18 2.53 3.53
N ARG A 57 24.07 1.62 2.57
CA ARG A 57 24.86 0.40 2.60
C ARG A 57 26.32 0.74 2.37
N VAL A 58 27.17 0.40 3.34
CA VAL A 58 28.58 0.79 3.28
C VAL A 58 29.27 0.14 2.08
N SER A 59 28.80 -1.05 1.69
CA SER A 59 29.48 -1.80 0.62
C SER A 59 29.47 -1.02 -0.69
N ASP A 60 28.38 -0.33 -1.01
CA ASP A 60 28.26 0.31 -2.32
C ASP A 60 27.48 1.62 -2.32
N ASN A 61 27.26 2.24 -1.16
CA ASN A 61 26.51 3.49 -1.05
C ASN A 61 25.08 3.38 -1.56
N LEU A 62 24.50 2.19 -1.53
CA LEU A 62 23.09 2.05 -1.88
C LEU A 62 22.25 2.70 -0.79
N PRO A 63 21.34 3.62 -1.12
CA PRO A 63 20.42 4.14 -0.11
C PRO A 63 19.50 3.03 0.38
N VAL A 64 19.33 2.94 1.70
CA VAL A 64 18.43 1.96 2.29
C VAL A 64 17.56 2.65 3.35
N ALA A 65 16.55 1.92 3.79
CA ALA A 65 15.75 2.29 4.95
C ALA A 65 15.88 1.18 5.96
N ILE A 66 16.07 1.55 7.23
CA ILE A 66 16.38 0.59 8.28
C ILE A 66 15.23 0.61 9.26
N LYS A 67 14.43 -0.45 9.27
CA LYS A 67 13.21 -0.50 10.05
C LYS A 67 13.41 -1.39 11.26
N HIS A 68 13.13 -0.85 12.44
CA HIS A 68 13.25 -1.57 13.70
C HIS A 68 11.85 -1.86 14.22
N VAL A 69 11.63 -3.11 14.65
CA VAL A 69 10.37 -3.51 15.26
C VAL A 69 10.69 -4.23 16.55
N GLU A 70 10.05 -3.80 17.65
CA GLU A 70 10.24 -4.49 18.93
C GLU A 70 9.49 -5.82 18.92
N LYS A 71 10.13 -6.84 19.48
CA LYS A 71 9.55 -8.18 19.46
C LYS A 71 8.23 -8.22 20.22
N ASP A 72 8.16 -7.55 21.37
CA ASP A 72 6.96 -7.56 22.19
C ASP A 72 5.76 -6.91 21.48
N ARG A 73 6.00 -6.12 20.44
CA ARG A 73 4.94 -5.48 19.69
C ARG A 73 4.49 -6.29 18.49
N ILE A 74 5.10 -7.43 18.23
CA ILE A 74 4.81 -8.23 17.04
C ILE A 74 3.70 -9.24 17.38
N SER A 75 2.56 -9.10 16.72
CA SER A 75 1.41 -9.98 16.94
C SER A 75 1.48 -11.25 16.10
N ASP A 76 1.68 -11.12 14.79
CA ASP A 76 1.66 -12.25 13.87
C ASP A 76 3.07 -12.73 13.62
N TRP A 77 3.32 -14.01 13.88
CA TRP A 77 4.61 -14.62 13.64
C TRP A 77 4.49 -15.68 12.56
N GLY A 78 5.60 -15.93 11.86
CA GLY A 78 5.63 -16.96 10.86
C GLY A 78 6.93 -17.75 10.87
N GLU A 79 7.14 -18.55 9.83
CA GLU A 79 8.34 -19.36 9.70
C GLU A 79 8.85 -19.21 8.28
N LEU A 80 10.12 -18.83 8.15
CA LEU A 80 10.74 -18.77 6.85
C LEU A 80 10.88 -20.17 6.30
N PRO A 81 11.30 -20.32 5.04
CA PRO A 81 11.58 -21.67 4.53
C PRO A 81 12.59 -22.42 5.39
N ASN A 82 13.60 -21.72 5.91
CA ASN A 82 14.59 -22.35 6.79
C ASN A 82 13.98 -22.85 8.09
N GLY A 83 12.80 -22.36 8.47
CA GLY A 83 12.15 -22.77 9.69
C GLY A 83 12.35 -21.84 10.87
N THR A 84 13.25 -20.87 10.76
CA THR A 84 13.47 -19.92 11.85
C THR A 84 12.24 -19.03 12.03
N ARG A 85 11.79 -18.89 13.27
CA ARG A 85 10.60 -18.11 13.58
C ARG A 85 10.90 -16.62 13.38
N VAL A 86 10.12 -15.96 12.52
CA VAL A 86 10.32 -14.55 12.21
C VAL A 86 8.97 -13.84 12.22
N PRO A 87 8.97 -12.51 12.29
CA PRO A 87 7.70 -11.79 12.08
C PRO A 87 7.09 -12.15 10.74
N MET A 88 5.75 -12.23 10.72
CA MET A 88 5.05 -12.48 9.46
C MET A 88 5.47 -11.47 8.39
N GLU A 89 5.69 -10.22 8.79
CA GLU A 89 6.13 -9.20 7.85
C GLU A 89 7.37 -9.65 7.07
N VAL A 90 8.28 -10.37 7.74
CA VAL A 90 9.48 -10.85 7.05
C VAL A 90 9.14 -11.97 6.09
N VAL A 91 8.28 -12.91 6.51
CA VAL A 91 7.81 -13.96 5.61
C VAL A 91 7.24 -13.36 4.33
N LEU A 92 6.32 -12.40 4.50
CA LEU A 92 5.62 -11.84 3.35
C LEU A 92 6.56 -11.03 2.47
N LEU A 93 7.42 -10.20 3.07
CA LEU A 93 8.38 -9.44 2.29
C LEU A 93 9.27 -10.36 1.45
N LYS A 94 9.73 -11.48 2.04
CA LYS A 94 10.58 -12.40 1.27
C LYS A 94 9.81 -13.00 0.10
N LYS A 95 8.53 -13.29 0.28
CA LYS A 95 7.76 -13.86 -0.82
C LYS A 95 7.60 -12.89 -1.98
N VAL A 96 7.58 -11.57 -1.71
CA VAL A 96 7.36 -10.59 -2.77
C VAL A 96 8.63 -9.87 -3.21
N SER A 97 9.76 -10.11 -2.55
CA SER A 97 10.96 -9.35 -2.86
C SER A 97 11.82 -9.98 -3.94
N SER A 98 11.38 -11.07 -4.56
CA SER A 98 12.17 -11.69 -5.62
C SER A 98 11.89 -11.01 -6.96
N GLY A 99 12.94 -10.59 -7.64
CA GLY A 99 12.79 -9.91 -8.92
C GLY A 99 12.38 -8.47 -8.74
N PHE A 100 12.21 -7.80 -9.89
CA PHE A 100 11.77 -6.40 -9.91
C PHE A 100 10.25 -6.31 -9.72
N SER A 101 9.80 -5.29 -9.00
CA SER A 101 8.37 -5.09 -8.84
C SER A 101 8.12 -3.69 -8.30
N GLY A 102 6.84 -3.35 -8.17
CA GLY A 102 6.45 -2.11 -7.54
C GLY A 102 6.29 -2.26 -6.04
N VAL A 103 7.02 -3.19 -5.43
CA VAL A 103 7.02 -3.37 -3.97
C VAL A 103 8.41 -3.04 -3.45
N ILE A 104 8.49 -2.25 -2.36
CA ILE A 104 9.77 -1.97 -1.73
C ILE A 104 10.36 -3.28 -1.24
N ARG A 105 11.56 -3.60 -1.69
CA ARG A 105 12.11 -4.94 -1.47
C ARG A 105 12.91 -5.02 -0.17
N LEU A 106 12.80 -6.17 0.49
CA LEU A 106 13.61 -6.48 1.67
C LEU A 106 14.98 -6.96 1.21
N LEU A 107 16.02 -6.22 1.58
CA LEU A 107 17.37 -6.58 1.15
C LEU A 107 18.07 -7.49 2.14
N ASP A 108 17.77 -7.36 3.42
CA ASP A 108 18.38 -8.20 4.46
C ASP A 108 17.60 -7.95 5.73
N TRP A 109 17.84 -8.80 6.73
CA TRP A 109 17.19 -8.62 8.02
C TRP A 109 18.07 -9.22 9.10
N PHE A 110 17.92 -8.70 10.31
CA PHE A 110 18.75 -9.06 11.44
C PHE A 110 17.85 -9.29 12.64
N GLU A 111 18.23 -10.25 13.48
CA GLU A 111 17.58 -10.46 14.76
C GLU A 111 18.47 -9.96 15.89
N ARG A 112 17.90 -9.14 16.74
CA ARG A 112 18.52 -8.61 17.94
C ARG A 112 17.81 -9.18 19.17
N PRO A 113 18.41 -9.04 20.36
CA PRO A 113 17.75 -9.60 21.56
C PRO A 113 16.30 -9.20 21.70
N ASP A 114 15.94 -7.95 21.45
CA ASP A 114 14.60 -7.46 21.72
C ASP A 114 13.86 -6.98 20.49
N SER A 115 14.42 -7.17 19.29
CA SER A 115 13.84 -6.54 18.12
C SER A 115 14.28 -7.27 16.86
N PHE A 116 13.60 -6.97 15.77
CA PHE A 116 14.08 -7.33 14.44
C PHE A 116 14.41 -6.05 13.68
N VAL A 117 15.43 -6.13 12.84
CA VAL A 117 15.83 -5.00 12.01
C VAL A 117 15.72 -5.43 10.55
N LEU A 118 14.96 -4.65 9.77
CA LEU A 118 14.72 -4.93 8.36
C LEU A 118 15.46 -3.90 7.53
N ILE A 119 16.17 -4.35 6.50
CA ILE A 119 16.88 -3.45 5.58
C ILE A 119 16.07 -3.42 4.29
N LEU A 120 15.59 -2.23 3.93
CA LEU A 120 14.65 -2.06 2.83
C LEU A 120 15.22 -1.09 1.81
N GLU A 121 14.77 -1.22 0.56
CA GLU A 121 15.12 -0.25 -0.46
C GLU A 121 14.69 1.15 -0.04
N ARG A 122 15.43 2.16 -0.50
CA ARG A 122 15.04 3.55 -0.30
C ARG A 122 15.14 4.29 -1.63
N PRO A 123 14.02 4.65 -2.24
CA PRO A 123 14.09 5.53 -3.41
C PRO A 123 14.59 6.89 -3.01
N GLU A 124 15.26 7.55 -3.95
CA GLU A 124 15.78 8.89 -3.72
C GLU A 124 15.83 9.64 -5.06
N PRO A 125 15.14 10.79 -5.13
CA PRO A 125 14.31 11.38 -4.07
C PRO A 125 12.95 10.70 -3.97
N VAL A 126 12.27 10.86 -2.81
CA VAL A 126 11.07 10.10 -2.52
C VAL A 126 10.08 10.96 -1.74
N GLN A 127 8.79 10.67 -1.93
CA GLN A 127 7.72 11.26 -1.13
C GLN A 127 6.58 10.24 -1.08
N ASP A 128 5.94 10.13 0.08
CA ASP A 128 4.84 9.17 0.08
C ASP A 128 3.60 9.83 -0.53
N LEU A 129 2.68 8.97 -0.96
CA LEU A 129 1.54 9.45 -1.73
C LEU A 129 0.58 10.26 -0.86
N PHE A 130 0.54 10.01 0.45
CA PHE A 130 -0.30 10.84 1.31
C PHE A 130 0.17 12.29 1.27
N ASP A 131 1.47 12.52 1.49
CA ASP A 131 2.00 13.89 1.49
C ASP A 131 1.86 14.52 0.12
N PHE A 132 2.09 13.74 -0.93
CA PHE A 132 1.97 14.24 -2.30
C PHE A 132 0.57 14.79 -2.56
N ILE A 133 -0.45 14.04 -2.15
CA ILE A 133 -1.83 14.45 -2.37
C ILE A 133 -2.19 15.63 -1.49
N THR A 134 -1.71 15.66 -0.25
CA THR A 134 -1.91 16.85 0.58
C THR A 134 -1.35 18.09 -0.10
N GLU A 135 -0.15 17.98 -0.64
CA GLU A 135 0.48 19.18 -1.22
C GLU A 135 -0.14 19.55 -2.56
N ARG A 136 -0.48 18.57 -3.38
CA ARG A 136 -0.99 18.85 -4.72
C ARG A 136 -2.49 19.04 -4.80
N GLY A 137 -3.24 18.57 -3.80
CA GLY A 137 -4.68 18.49 -3.94
C GLY A 137 -5.07 17.31 -4.83
N ALA A 138 -6.33 17.33 -5.28
CA ALA A 138 -6.83 16.32 -6.22
C ALA A 138 -5.93 16.24 -7.45
N LEU A 139 -5.61 15.01 -7.87
CA LEU A 139 -4.71 14.79 -8.99
C LEU A 139 -5.46 14.80 -10.31
N GLN A 140 -4.83 15.38 -11.35
CA GLN A 140 -5.32 15.22 -12.71
C GLN A 140 -5.55 13.74 -12.99
N GLU A 141 -6.62 13.45 -13.75
CA GLU A 141 -6.97 12.04 -13.99
C GLU A 141 -5.87 11.29 -14.72
N GLU A 142 -5.14 11.96 -15.61
CA GLU A 142 -4.02 11.30 -16.27
C GLU A 142 -2.98 10.83 -15.25
N LEU A 143 -2.70 11.65 -14.25
CA LEU A 143 -1.74 11.25 -13.23
C LEU A 143 -2.32 10.18 -12.31
N ALA A 144 -3.59 10.32 -11.94
CA ALA A 144 -4.22 9.30 -11.11
C ALA A 144 -4.27 7.97 -11.85
N ARG A 145 -4.52 8.00 -13.16
CA ARG A 145 -4.54 6.76 -13.95
C ARG A 145 -3.19 6.07 -13.88
N SER A 146 -2.11 6.83 -14.07
CA SER A 146 -0.77 6.23 -14.04
C SER A 146 -0.46 5.65 -12.66
N PHE A 147 -0.70 6.43 -11.61
CA PHE A 147 -0.45 5.95 -10.25
C PHE A 147 -1.30 4.73 -9.93
N PHE A 148 -2.60 4.79 -10.23
CA PHE A 148 -3.49 3.69 -9.88
C PHE A 148 -3.12 2.42 -10.62
N TRP A 149 -2.80 2.54 -11.92
CA TRP A 149 -2.33 1.39 -12.70
C TRP A 149 -1.13 0.72 -12.04
N GLN A 150 -0.13 1.51 -11.65
CA GLN A 150 1.07 0.93 -11.04
C GLN A 150 0.73 0.25 -9.72
N VAL A 151 -0.20 0.82 -8.94
CA VAL A 151 -0.61 0.16 -7.70
C VAL A 151 -1.30 -1.16 -8.00
N LEU A 152 -2.18 -1.18 -9.02
CA LEU A 152 -2.80 -2.46 -9.41
C LEU A 152 -1.74 -3.50 -9.77
N GLU A 153 -0.73 -3.11 -10.56
CA GLU A 153 0.31 -4.07 -10.93
C GLU A 153 1.06 -4.55 -9.69
N ALA A 154 1.34 -3.66 -8.75
CA ALA A 154 2.03 -4.05 -7.52
C ALA A 154 1.19 -5.01 -6.68
N VAL A 155 -0.10 -4.75 -6.57
CA VAL A 155 -0.96 -5.63 -5.77
C VAL A 155 -1.14 -6.97 -6.46
N ARG A 156 -1.28 -6.97 -7.79
CA ARG A 156 -1.31 -8.25 -8.52
C ARG A 156 -0.05 -9.05 -8.26
N HIS A 157 1.11 -8.37 -8.22
CA HIS A 157 2.36 -9.06 -7.96
C HIS A 157 2.32 -9.73 -6.58
N CYS A 158 1.84 -8.99 -5.57
CA CYS A 158 1.69 -9.57 -4.23
C CYS A 158 0.82 -10.80 -4.27
N HIS A 159 -0.38 -10.68 -4.85
CA HIS A 159 -1.29 -11.80 -4.93
C HIS A 159 -0.68 -12.97 -5.71
N ASN A 160 0.01 -12.67 -6.82
CA ASN A 160 0.74 -13.72 -7.56
C ASN A 160 1.71 -14.47 -6.66
N CYS A 161 2.33 -13.77 -5.72
CA CYS A 161 3.30 -14.35 -4.80
C CYS A 161 2.66 -14.95 -3.56
N GLY A 162 1.33 -14.99 -3.48
CA GLY A 162 0.65 -15.55 -2.33
C GLY A 162 0.54 -14.64 -1.13
N VAL A 163 0.61 -13.32 -1.33
CA VAL A 163 0.65 -12.35 -0.24
C VAL A 163 -0.52 -11.37 -0.38
N LEU A 164 -1.25 -11.19 0.72
CA LEU A 164 -2.31 -10.19 0.81
C LEU A 164 -1.81 -9.04 1.69
N HIS A 165 -1.83 -7.82 1.15
CA HIS A 165 -1.24 -6.69 1.88
C HIS A 165 -2.10 -6.26 3.07
N ARG A 166 -3.40 -6.10 2.85
CA ARG A 166 -4.41 -5.74 3.85
C ARG A 166 -4.28 -4.32 4.42
N ASP A 167 -3.45 -3.46 3.84
CA ASP A 167 -3.40 -2.08 4.32
C ASP A 167 -3.05 -1.13 3.17
N ILE A 168 -3.64 -1.36 2.00
CA ILE A 168 -3.41 -0.48 0.86
C ILE A 168 -3.99 0.89 1.19
N LYS A 169 -3.15 1.93 1.15
CA LYS A 169 -3.60 3.31 1.34
C LYS A 169 -2.48 4.24 0.85
N ASP A 170 -2.81 5.53 0.67
CA ASP A 170 -1.81 6.45 0.15
C ASP A 170 -0.60 6.54 1.07
N GLU A 171 -0.80 6.42 2.39
CA GLU A 171 0.32 6.45 3.34
C GLU A 171 1.33 5.34 3.10
N ASN A 172 0.88 4.20 2.56
CA ASN A 172 1.72 3.04 2.36
C ASN A 172 2.19 2.92 0.91
N ILE A 173 2.26 4.04 0.20
CA ILE A 173 2.76 4.09 -1.17
C ILE A 173 3.82 5.19 -1.26
N LEU A 174 5.00 4.82 -1.76
CA LEU A 174 6.09 5.77 -1.97
C LEU A 174 6.20 6.09 -3.45
N ILE A 175 6.56 7.33 -3.75
CA ILE A 175 6.76 7.80 -5.12
C ILE A 175 8.25 8.04 -5.33
N ASP A 176 8.84 7.33 -6.28
CA ASP A 176 10.17 7.67 -6.79
C ASP A 176 9.96 8.82 -7.75
N LEU A 177 10.31 10.02 -7.31
CA LEU A 177 9.95 11.22 -8.04
C LEU A 177 10.73 11.38 -9.34
N ASN A 178 11.95 10.84 -9.42
CA ASN A 178 12.70 10.93 -10.66
C ASN A 178 12.29 9.86 -11.67
N ARG A 179 11.97 8.66 -11.20
CA ARG A 179 11.60 7.58 -12.11
C ARG A 179 10.10 7.49 -12.37
N GLY A 180 9.28 8.18 -11.59
CA GLY A 180 7.83 8.08 -11.77
C GLY A 180 7.26 6.73 -11.40
N GLU A 181 7.92 6.00 -10.50
CA GLU A 181 7.49 4.67 -10.09
C GLU A 181 6.96 4.68 -8.67
N LEU A 182 5.87 3.95 -8.44
CA LEU A 182 5.27 3.81 -7.11
C LEU A 182 5.72 2.50 -6.48
N LYS A 183 5.90 2.53 -5.15
CA LYS A 183 6.40 1.39 -4.40
C LYS A 183 5.53 1.17 -3.17
N LEU A 184 5.01 -0.06 -3.04
CA LEU A 184 4.18 -0.44 -1.90
C LEU A 184 5.06 -0.74 -0.68
N ILE A 185 4.65 -0.23 0.48
CA ILE A 185 5.38 -0.46 1.73
C ILE A 185 4.44 -0.99 2.81
N ASP A 186 5.06 -1.50 3.88
CA ASP A 186 4.45 -1.88 5.15
C ASP A 186 3.53 -3.08 5.03
N PHE A 187 4.12 -4.27 5.07
CA PHE A 187 3.37 -5.51 5.12
C PHE A 187 3.07 -5.96 6.55
N GLY A 188 3.17 -5.05 7.52
CA GLY A 188 2.95 -5.37 8.92
C GLY A 188 1.53 -5.77 9.28
N SER A 189 0.56 -5.54 8.40
CA SER A 189 -0.81 -5.99 8.63
C SER A 189 -1.20 -7.10 7.65
N GLY A 190 -0.26 -7.60 6.86
CA GLY A 190 -0.58 -8.52 5.79
C GLY A 190 -0.80 -9.95 6.26
N ALA A 191 -1.07 -10.81 5.29
CA ALA A 191 -1.27 -12.23 5.55
C ALA A 191 -0.94 -13.01 4.29
N LEU A 192 -0.74 -14.32 4.47
CA LEU A 192 -0.75 -15.19 3.31
C LEU A 192 -2.12 -15.11 2.65
N LEU A 193 -2.14 -15.01 1.33
CA LEU A 193 -3.40 -15.00 0.62
C LEU A 193 -4.07 -16.38 0.69
N LYS A 194 -5.38 -16.38 0.92
CA LYS A 194 -6.15 -17.62 0.96
C LYS A 194 -7.50 -17.36 0.32
N ASP A 195 -8.23 -18.45 0.04
CA ASP A 195 -9.54 -18.35 -0.59
C ASP A 195 -10.70 -18.44 0.41
N THR A 196 -10.39 -18.70 1.67
CA THR A 196 -11.38 -18.79 2.72
C THR A 196 -11.52 -17.43 3.42
N VAL A 197 -12.44 -17.34 4.38
CA VAL A 197 -12.77 -16.04 4.97
C VAL A 197 -11.70 -15.63 5.96
N TYR A 198 -11.43 -14.33 6.01
CA TYR A 198 -10.62 -13.72 7.07
C TYR A 198 -11.55 -13.18 8.15
N THR A 199 -11.21 -13.44 9.41
CA THR A 199 -11.97 -12.93 10.54
C THR A 199 -11.13 -12.04 11.45
N ASP A 200 -9.88 -11.75 11.09
CA ASP A 200 -9.01 -10.83 11.80
C ASP A 200 -8.65 -9.68 10.86
N PHE A 201 -8.38 -8.51 11.43
CA PHE A 201 -7.98 -7.36 10.63
C PHE A 201 -7.28 -6.31 11.50
N ASP A 202 -6.10 -5.88 11.08
N ASP A 202 -6.10 -5.87 11.06
CA ASP A 202 -5.37 -4.83 11.80
CA ASP A 202 -5.32 -4.87 11.78
C ASP A 202 -4.91 -3.71 10.88
C ASP A 202 -4.88 -3.73 10.87
N GLY A 203 -5.45 -3.62 9.67
CA GLY A 203 -5.14 -2.53 8.75
C GLY A 203 -5.86 -1.25 9.15
N THR A 204 -6.08 -0.38 8.15
CA THR A 204 -6.68 0.93 8.39
C THR A 204 -8.19 0.87 8.21
N ARG A 205 -8.93 1.28 9.25
CA ARG A 205 -10.37 1.06 9.25
C ARG A 205 -11.07 1.88 8.16
N VAL A 206 -10.63 3.12 7.90
CA VAL A 206 -11.32 3.92 6.87
C VAL A 206 -11.08 3.42 5.45
N TYR A 207 -10.16 2.46 5.26
CA TYR A 207 -10.00 1.76 3.99
C TYR A 207 -10.59 0.35 4.02
N SER A 208 -11.15 -0.07 5.15
CA SER A 208 -11.66 -1.43 5.26
C SER A 208 -13.10 -1.50 4.74
N PRO A 209 -13.56 -2.67 4.31
CA PRO A 209 -14.82 -2.76 3.57
C PRO A 209 -16.01 -2.90 4.50
N PRO A 210 -17.22 -2.66 3.99
CA PRO A 210 -18.41 -2.69 4.85
C PRO A 210 -18.66 -4.05 5.47
N GLU A 211 -18.27 -5.14 4.81
CA GLU A 211 -18.48 -6.46 5.41
C GLU A 211 -17.59 -6.67 6.63
N TRP A 212 -16.42 -6.01 6.67
CA TRP A 212 -15.62 -6.05 7.89
C TRP A 212 -16.28 -5.25 9.00
N ILE A 213 -16.69 -4.02 8.69
CA ILE A 213 -17.39 -3.17 9.67
C ILE A 213 -18.61 -3.89 10.23
N ARG A 214 -19.41 -4.51 9.35
CA ARG A 214 -20.69 -5.07 9.78
C ARG A 214 -20.55 -6.44 10.43
N TYR A 215 -19.71 -7.31 9.88
CA TYR A 215 -19.69 -8.73 10.24
C TYR A 215 -18.34 -9.24 10.72
N HIS A 216 -17.28 -8.43 10.69
CA HIS A 216 -15.93 -8.89 11.02
C HIS A 216 -15.53 -10.10 10.19
N ARG A 217 -15.89 -10.06 8.91
CA ARG A 217 -15.56 -11.10 7.94
C ARG A 217 -15.34 -10.44 6.59
N TYR A 218 -14.33 -10.92 5.87
CA TYR A 218 -14.08 -10.44 4.51
C TYR A 218 -13.27 -11.49 3.78
N HIS A 219 -13.32 -11.44 2.46
CA HIS A 219 -12.43 -12.24 1.62
C HIS A 219 -11.36 -11.33 1.06
N GLY A 220 -10.19 -11.91 0.77
CA GLY A 220 -9.01 -11.09 0.59
C GLY A 220 -9.04 -10.20 -0.65
N ARG A 221 -9.36 -10.80 -1.80
N ARG A 221 -9.36 -10.79 -1.81
CA ARG A 221 -9.31 -10.06 -3.06
CA ARG A 221 -9.28 -10.02 -3.05
C ARG A 221 -10.36 -8.97 -3.10
C ARG A 221 -10.37 -8.96 -3.12
N SER A 222 -11.59 -9.28 -2.71
CA SER A 222 -12.67 -8.30 -2.78
C SER A 222 -12.49 -7.20 -1.74
N ALA A 223 -11.88 -7.51 -0.59
CA ALA A 223 -11.54 -6.46 0.37
C ALA A 223 -10.46 -5.55 -0.18
N ALA A 224 -9.48 -6.12 -0.90
CA ALA A 224 -8.43 -5.30 -1.51
C ALA A 224 -9.03 -4.35 -2.54
N VAL A 225 -9.96 -4.84 -3.36
CA VAL A 225 -10.59 -4.01 -4.38
C VAL A 225 -11.32 -2.84 -3.73
N TRP A 226 -12.03 -3.09 -2.63
CA TRP A 226 -12.64 -1.99 -1.89
C TRP A 226 -11.60 -0.94 -1.50
N SER A 227 -10.48 -1.36 -0.91
CA SER A 227 -9.48 -0.37 -0.50
C SER A 227 -8.91 0.38 -1.70
N LEU A 228 -8.86 -0.27 -2.85
CA LEU A 228 -8.40 0.40 -4.06
C LEU A 228 -9.41 1.42 -4.55
N GLY A 229 -10.70 1.13 -4.40
CA GLY A 229 -11.71 2.15 -4.68
C GLY A 229 -11.55 3.38 -3.79
N ILE A 230 -11.31 3.15 -2.50
CA ILE A 230 -11.04 4.27 -1.58
C ILE A 230 -9.81 5.05 -2.06
N LEU A 231 -8.75 4.33 -2.44
CA LEU A 231 -7.53 4.98 -2.87
C LEU A 231 -7.74 5.80 -4.14
N LEU A 232 -8.52 5.26 -5.09
CA LEU A 232 -8.73 6.00 -6.35
C LEU A 232 -9.54 7.27 -6.11
N TYR A 233 -10.61 7.19 -5.32
CA TYR A 233 -11.34 8.39 -4.90
C TYR A 233 -10.39 9.40 -4.27
N ASP A 234 -9.54 8.92 -3.36
CA ASP A 234 -8.56 9.77 -2.69
C ASP A 234 -7.69 10.52 -3.69
N MET A 235 -7.22 9.82 -4.74
CA MET A 235 -6.38 10.45 -5.74
C MET A 235 -7.13 11.53 -6.51
N VAL A 236 -8.33 11.24 -7.01
CA VAL A 236 -8.99 12.21 -7.89
C VAL A 236 -9.81 13.24 -7.14
N CYS A 237 -10.07 13.05 -5.85
CA CYS A 237 -10.82 14.03 -5.07
C CYS A 237 -9.97 14.76 -4.02
N GLY A 238 -8.78 14.26 -3.71
CA GLY A 238 -7.92 14.93 -2.75
C GLY A 238 -8.06 14.46 -1.32
N ASP A 239 -9.06 13.64 -1.01
CA ASP A 239 -9.13 12.97 0.28
C ASP A 239 -10.05 11.77 0.12
N ILE A 240 -10.00 10.87 1.10
CA ILE A 240 -10.82 9.65 1.12
C ILE A 240 -12.30 10.03 1.25
N PRO A 241 -13.23 9.18 0.80
CA PRO A 241 -14.64 9.54 0.84
C PRO A 241 -15.29 9.37 2.21
N PHE A 242 -14.82 8.40 3.01
CA PHE A 242 -15.50 8.02 4.25
C PHE A 242 -14.57 8.19 5.45
N GLU A 243 -15.11 8.74 6.53
CA GLU A 243 -14.42 8.79 7.81
C GLU A 243 -15.08 7.95 8.90
N HIS A 244 -16.40 7.72 8.80
CA HIS A 244 -17.17 7.09 9.86
C HIS A 244 -17.75 5.77 9.39
N ASP A 245 -17.96 4.86 10.35
CA ASP A 245 -18.48 3.54 10.05
C ASP A 245 -19.78 3.64 9.26
N GLU A 246 -20.63 4.59 9.64
CA GLU A 246 -21.94 4.76 9.02
C GLU A 246 -21.81 5.13 7.54
N GLU A 247 -20.76 5.90 7.19
CA GLU A 247 -20.53 6.23 5.78
C GLU A 247 -20.00 5.02 5.03
N ILE A 248 -19.12 4.24 5.65
CA ILE A 248 -18.56 3.06 4.98
C ILE A 248 -19.67 2.09 4.60
N ILE A 249 -20.58 1.82 5.54
CA ILE A 249 -21.63 0.84 5.23
C ILE A 249 -22.78 1.46 4.47
N GLY A 250 -22.90 2.79 4.46
CA GLY A 250 -23.98 3.42 3.71
C GLY A 250 -23.76 3.31 2.20
N GLY A 251 -22.52 3.25 1.77
CA GLY A 251 -22.20 3.04 0.36
C GLY A 251 -22.70 4.12 -0.58
N GLN A 252 -22.86 5.34 -0.09
CA GLN A 252 -23.17 6.49 -0.94
C GLN A 252 -21.88 7.24 -1.22
N VAL A 253 -21.56 7.41 -2.49
CA VAL A 253 -20.30 8.03 -2.90
C VAL A 253 -20.63 9.40 -3.47
N PHE A 254 -20.29 10.45 -2.72
CA PHE A 254 -20.45 11.83 -3.17
C PHE A 254 -19.10 12.33 -3.69
N PHE A 255 -19.09 12.93 -4.88
CA PHE A 255 -17.87 13.43 -5.48
C PHE A 255 -17.72 14.93 -5.18
N ARG A 256 -16.67 15.27 -4.43
CA ARG A 256 -16.40 16.64 -4.01
C ARG A 256 -15.57 17.41 -5.02
N GLN A 257 -15.15 16.75 -6.08
CA GLN A 257 -14.34 17.34 -7.13
C GLN A 257 -14.93 16.94 -8.47
N ARG A 258 -14.65 17.72 -9.52
CA ARG A 258 -15.05 17.30 -10.86
C ARG A 258 -14.26 16.05 -11.24
N VAL A 259 -14.99 14.98 -11.55
CA VAL A 259 -14.40 13.69 -11.92
C VAL A 259 -15.20 13.16 -13.09
N SER A 260 -14.51 12.63 -14.12
CA SER A 260 -15.18 12.15 -15.32
C SER A 260 -16.16 11.04 -14.98
N SER A 261 -17.19 10.88 -15.82
CA SER A 261 -18.18 9.84 -15.57
C SER A 261 -17.55 8.46 -15.61
N GLU A 262 -16.54 8.27 -16.47
N GLU A 262 -16.54 8.25 -16.48
CA GLU A 262 -15.86 6.98 -16.56
CA GLU A 262 -15.88 6.95 -16.53
C GLU A 262 -15.11 6.65 -15.28
C GLU A 262 -15.15 6.65 -15.23
N CYS A 263 -14.40 7.63 -14.71
CA CYS A 263 -13.71 7.41 -13.44
C CYS A 263 -14.70 7.19 -12.29
N GLN A 264 -15.76 8.01 -12.22
CA GLN A 264 -16.80 7.78 -11.21
C GLN A 264 -17.33 6.36 -11.27
N HIS A 265 -17.58 5.86 -12.48
CA HIS A 265 -18.14 4.53 -12.62
C HIS A 265 -17.20 3.49 -12.03
N LEU A 266 -15.89 3.61 -12.33
CA LEU A 266 -14.93 2.64 -11.81
C LEU A 266 -14.86 2.69 -10.29
N ILE A 267 -14.80 3.90 -9.72
CA ILE A 267 -14.77 4.03 -8.27
C ILE A 267 -16.01 3.39 -7.65
N ARG A 268 -17.20 3.73 -8.17
CA ARG A 268 -18.42 3.21 -7.59
C ARG A 268 -18.51 1.70 -7.71
N TRP A 269 -17.92 1.14 -8.77
CA TRP A 269 -17.87 -0.32 -8.92
C TRP A 269 -16.98 -0.96 -7.87
N CYS A 270 -15.77 -0.41 -7.67
CA CYS A 270 -14.89 -0.90 -6.61
C CYS A 270 -15.51 -0.79 -5.23
N LEU A 271 -16.36 0.23 -5.02
CA LEU A 271 -16.99 0.44 -3.73
C LEU A 271 -18.38 -0.16 -3.66
N ALA A 272 -18.65 -1.20 -4.45
CA ALA A 272 -19.95 -1.86 -4.34
C ALA A 272 -20.11 -2.42 -2.93
N LEU A 273 -21.31 -2.29 -2.36
CA LEU A 273 -21.53 -2.79 -1.00
C LEU A 273 -21.38 -4.31 -0.94
N ARG A 274 -21.94 -5.02 -1.90
CA ARG A 274 -21.79 -6.47 -1.88
C ARG A 274 -20.45 -6.87 -2.49
N PRO A 275 -19.63 -7.66 -1.77
CA PRO A 275 -18.29 -7.98 -2.29
C PRO A 275 -18.30 -8.63 -3.66
N SER A 276 -19.25 -9.53 -3.93
CA SER A 276 -19.30 -10.18 -5.23
C SER A 276 -19.71 -9.24 -6.36
N ASP A 277 -20.20 -8.04 -6.04
CA ASP A 277 -20.49 -7.04 -7.07
C ASP A 277 -19.27 -6.23 -7.47
N ARG A 278 -18.12 -6.39 -6.78
CA ARG A 278 -16.93 -5.60 -7.09
C ARG A 278 -16.19 -6.21 -8.27
N PRO A 279 -15.46 -5.39 -9.03
CA PRO A 279 -14.70 -5.94 -10.17
C PRO A 279 -13.53 -6.77 -9.71
N THR A 280 -13.14 -7.73 -10.55
CA THR A 280 -11.84 -8.36 -10.38
C THR A 280 -10.74 -7.39 -10.81
N PHE A 281 -9.48 -7.73 -10.48
CA PHE A 281 -8.37 -6.91 -10.95
C PHE A 281 -8.33 -6.83 -12.47
N GLU A 282 -8.66 -7.94 -13.15
CA GLU A 282 -8.72 -7.92 -14.62
C GLU A 282 -9.78 -6.94 -15.11
N GLU A 283 -10.97 -6.95 -14.50
CA GLU A 283 -12.02 -6.02 -14.88
C GLU A 283 -11.63 -4.57 -14.59
N ILE A 284 -10.90 -4.32 -13.50
CA ILE A 284 -10.41 -2.96 -13.25
C ILE A 284 -9.46 -2.52 -14.36
N GLN A 285 -8.47 -3.34 -14.67
CA GLN A 285 -7.49 -2.92 -15.66
C GLN A 285 -8.03 -2.91 -17.08
N ASN A 286 -9.13 -3.62 -17.35
CA ASN A 286 -9.81 -3.52 -18.65
C ASN A 286 -10.86 -2.42 -18.69
N HIS A 287 -11.07 -1.71 -17.58
CA HIS A 287 -12.08 -0.66 -17.56
C HIS A 287 -11.71 0.46 -18.52
N PRO A 288 -12.68 1.08 -19.20
CA PRO A 288 -12.36 2.17 -20.16
C PRO A 288 -11.55 3.31 -19.57
N TRP A 289 -11.76 3.67 -18.29
CA TRP A 289 -10.98 4.73 -17.69
C TRP A 289 -9.49 4.40 -17.60
N MET A 290 -9.13 3.13 -17.59
CA MET A 290 -7.74 2.72 -17.38
C MET A 290 -6.94 2.61 -18.66
N GLN A 291 -7.52 2.86 -19.82
N GLN A 291 -7.55 2.90 -19.81
CA GLN A 291 -6.74 2.59 -21.03
CA GLN A 291 -6.89 2.80 -21.12
C GLN A 291 -5.84 3.78 -21.35
C GLN A 291 -5.76 3.82 -21.25
N ASP A 292 -4.78 3.48 -22.10
CA ASP A 292 -3.76 4.44 -22.56
C ASP A 292 -2.96 5.04 -21.40
N VAL A 293 -2.53 4.19 -20.47
CA VAL A 293 -1.78 4.65 -19.32
C VAL A 293 -0.42 5.19 -19.76
N LEU A 294 0.04 6.24 -19.08
CA LEU A 294 1.39 6.72 -19.30
C LEU A 294 2.42 5.72 -18.78
N LEU A 295 3.59 5.71 -19.40
CA LEU A 295 4.72 4.99 -18.87
C LEU A 295 5.23 5.72 -17.62
N PRO A 296 5.93 5.00 -16.72
CA PRO A 296 6.47 5.70 -15.54
C PRO A 296 7.39 6.86 -15.89
N GLN A 297 8.27 6.68 -16.88
CA GLN A 297 9.16 7.78 -17.25
C GLN A 297 8.38 8.98 -17.76
N GLU A 298 7.36 8.74 -18.60
CA GLU A 298 6.50 9.83 -19.07
C GLU A 298 5.80 10.51 -17.91
N THR A 299 5.33 9.72 -16.93
CA THR A 299 4.65 10.27 -15.77
C THR A 299 5.55 11.24 -15.02
N ALA A 300 6.82 10.86 -14.81
CA ALA A 300 7.76 11.74 -14.12
C ALA A 300 8.00 13.01 -14.91
N GLU A 301 8.19 12.90 -16.22
CA GLU A 301 8.53 14.07 -17.02
C GLU A 301 7.37 15.05 -17.08
N ILE A 302 6.15 14.55 -17.27
CA ILE A 302 5.00 15.42 -17.41
C ILE A 302 4.55 15.98 -16.07
N HIS A 303 4.60 15.16 -15.01
CA HIS A 303 3.90 15.48 -13.77
C HIS A 303 4.80 15.67 -12.55
N LEU A 304 6.01 15.14 -12.55
CA LEU A 304 6.83 15.16 -11.34
C LEU A 304 8.10 15.99 -11.45
N HIS A 305 8.67 16.12 -12.65
CA HIS A 305 9.94 16.83 -12.80
C HIS A 305 9.72 18.34 -12.82
N ARG B 2 -13.90 20.35 6.75
CA ARG B 2 -13.21 19.11 7.07
C ARG B 2 -11.69 19.25 6.88
N LYS B 3 -10.95 18.42 7.61
CA LYS B 3 -9.51 18.39 7.52
C LYS B 3 -9.07 17.02 7.04
N ARG B 4 -8.05 17.00 6.20
CA ARG B 4 -7.45 15.74 5.76
C ARG B 4 -6.47 15.27 6.81
N ARG B 5 -6.49 13.98 7.14
CA ARG B 5 -5.59 13.48 8.16
C ARG B 5 -5.15 12.06 7.82
N ARG B 6 -4.01 11.68 8.40
CA ARG B 6 -3.60 10.29 8.35
C ARG B 6 -4.46 9.46 9.29
N HIS B 7 -4.42 8.15 9.11
CA HIS B 7 -5.18 7.21 9.95
C HIS B 7 -4.28 6.05 10.34
N PRO B 8 -3.88 5.94 11.62
CA PRO B 8 -3.04 4.82 12.05
C PRO B 8 -3.71 3.49 11.80
N SER B 9 -2.89 2.50 11.43
CA SER B 9 -3.37 1.13 11.31
C SER B 9 -3.72 0.58 12.70
N GLY B 10 -4.72 -0.30 12.72
CA GLY B 10 -5.14 -0.95 13.95
C GLY B 10 -6.12 -0.15 14.80
#